data_8TDE
#
_entry.id   8TDE
#
_cell.length_a   77.037
_cell.length_b   81.171
_cell.length_c   103.780
_cell.angle_alpha   90.00
_cell.angle_beta   90.00
_cell.angle_gamma   90.00
#
_symmetry.space_group_name_H-M   'P 21 21 21'
#
loop_
_entity.id
_entity.type
_entity.pdbx_description
1 polymer 'Probable secreted glycosyl hydrolase'
2 non-polymer alpha-D-glucopyranose
3 non-polymer 'POTASSIUM ION'
4 water water
#
_entity_poly.entity_id   1
_entity_poly.type   'polypeptide(L)'
_entity_poly.pdbx_seq_one_letter_code
;MGSSHHHHHHSSGLVPRGSAQEEQSANEVAVSYSKSLKAAEMDSLQLPVDADGYITIFDGKTFNGWRGYGKDRVPSKWTI
EDGCIKFNGSGGGEAQDGDGGDLIFAHKFKNFELEMEWKVSKGGNSGIFYLAQEVTSKDKDGNDVLEPIYISAPEYQVLD
NDNHPDAKLGKDNNRQSASLYDMIPAVPQNAKPFGEWNKAKIMVYKGTVVHGQNDENVLEYHLWTKQWTDLLQASKFSQD
KWPLAFELLNNCGGENHEGFIGMQDHGDDVWFRNIRVKVLD
;
_entity_poly.pdbx_strand_id   A,B
#
loop_
_chem_comp.id
_chem_comp.type
_chem_comp.name
_chem_comp.formula
GLC D-saccharide, alpha linking alpha-D-glucopyranose 'C6 H12 O6'
K non-polymer 'POTASSIUM ION' 'K 1'
#
# COMPACT_ATOMS: atom_id res chain seq x y z
N ALA A 26 20.31 -14.56 -19.48
CA ALA A 26 18.88 -14.38 -19.10
C ALA A 26 18.54 -15.25 -17.89
N ASN A 27 19.38 -16.26 -17.60
CA ASN A 27 18.93 -17.43 -16.89
C ASN A 27 19.28 -17.31 -15.41
N GLU A 28 20.35 -16.59 -15.07
CA GLU A 28 20.57 -16.31 -13.65
C GLU A 28 20.81 -14.82 -13.38
N VAL A 29 20.74 -14.47 -12.10
CA VAL A 29 21.04 -13.10 -11.66
C VAL A 29 21.91 -13.17 -10.38
N ALA A 30 22.74 -12.15 -10.18
CA ALA A 30 23.57 -12.06 -8.97
C ALA A 30 22.72 -11.57 -7.81
N VAL A 31 22.72 -12.32 -6.69
CA VAL A 31 22.04 -11.85 -5.49
C VAL A 31 23.01 -11.77 -4.29
N SER A 32 23.15 -10.55 -3.76
CA SER A 32 24.03 -10.25 -2.65
C SER A 32 23.44 -10.84 -1.37
N TYR A 33 24.32 -11.25 -0.46
CA TYR A 33 23.86 -11.71 0.84
C TYR A 33 24.94 -11.46 1.88
N SER A 34 24.50 -11.37 3.14
CA SER A 34 25.40 -11.19 4.27
C SER A 34 25.65 -12.52 5.00
N LYS A 35 26.76 -12.59 5.75
CA LYS A 35 27.21 -13.85 6.34
C LYS A 35 26.95 -13.95 7.84
N SER A 36 26.72 -12.81 8.50
CA SER A 36 26.63 -12.77 9.95
C SER A 36 25.85 -11.53 10.36
N LEU A 37 25.57 -11.43 11.68
CA LEU A 37 24.77 -10.39 12.27
C LEU A 37 25.21 -8.98 11.81
N LYS A 38 24.26 -8.33 11.14
CA LYS A 38 24.30 -6.96 10.70
C LYS A 38 25.39 -6.66 9.67
N ALA A 39 25.94 -7.70 9.05
CA ALA A 39 27.04 -7.48 8.12
C ALA A 39 26.52 -6.98 6.77
N ALA A 40 27.40 -6.34 6.03
CA ALA A 40 27.20 -5.96 4.62
C ALA A 40 27.01 -7.18 3.74
N GLU A 41 26.26 -6.99 2.66
CA GLU A 41 26.04 -8.04 1.69
C GLU A 41 27.19 -8.05 0.67
N MET A 42 28.38 -8.48 1.12
CA MET A 42 29.59 -8.27 0.36
C MET A 42 29.94 -9.49 -0.54
N ASP A 43 29.09 -10.52 -0.56
CA ASP A 43 29.22 -11.68 -1.43
C ASP A 43 27.90 -11.88 -2.18
N SER A 44 27.97 -12.61 -3.30
CA SER A 44 26.85 -12.76 -4.19
C SER A 44 26.69 -14.20 -4.63
N LEU A 45 25.45 -14.68 -4.77
CA LEU A 45 25.13 -15.96 -5.43
C LEU A 45 24.58 -15.68 -6.82
N GLN A 46 24.79 -16.60 -7.74
CA GLN A 46 24.12 -16.56 -9.04
C GLN A 46 22.86 -17.43 -8.93
N LEU A 47 21.68 -16.86 -8.92
CA LEU A 47 20.51 -17.67 -8.65
C LEU A 47 19.66 -17.70 -9.91
N PRO A 48 18.96 -18.82 -10.23
CA PRO A 48 18.11 -18.87 -11.41
C PRO A 48 16.99 -17.81 -11.29
N VAL A 49 16.71 -17.16 -12.43
CA VAL A 49 15.50 -16.37 -12.63
C VAL A 49 14.67 -16.98 -13.74
N ASP A 50 13.31 -17.02 -13.59
CA ASP A 50 12.48 -17.47 -14.72
C ASP A 50 12.09 -16.28 -15.59
N ALA A 51 11.31 -16.53 -16.66
CA ALA A 51 10.95 -15.49 -17.61
C ALA A 51 10.07 -14.40 -17.00
N ASP A 52 9.36 -14.68 -15.89
CA ASP A 52 8.58 -13.65 -15.18
C ASP A 52 9.42 -12.88 -14.15
N GLY A 53 10.68 -13.27 -13.98
CA GLY A 53 11.60 -12.52 -13.14
C GLY A 53 11.58 -13.02 -11.70
N TYR A 54 10.91 -14.17 -11.46
CA TYR A 54 11.05 -14.82 -10.15
C TYR A 54 12.41 -15.48 -10.01
N ILE A 55 13.10 -15.09 -8.94
CA ILE A 55 14.38 -15.65 -8.56
C ILE A 55 14.12 -16.80 -7.59
N THR A 56 14.74 -17.95 -7.86
CA THR A 56 14.56 -19.10 -6.98
C THR A 56 15.61 -18.99 -5.88
N ILE A 57 15.17 -18.76 -4.67
CA ILE A 57 16.12 -18.44 -3.61
C ILE A 57 16.45 -19.67 -2.77
N PHE A 58 15.67 -20.73 -2.94
CA PHE A 58 15.97 -21.98 -2.27
C PHE A 58 16.17 -23.02 -3.36
N ASP A 59 17.35 -23.64 -3.38
CA ASP A 59 17.68 -24.47 -4.54
C ASP A 59 17.34 -25.95 -4.32
N GLY A 60 16.77 -26.27 -3.18
CA GLY A 60 16.24 -27.61 -3.01
C GLY A 60 17.26 -28.48 -2.29
N LYS A 61 18.51 -27.96 -2.17
CA LYS A 61 19.69 -28.77 -1.91
C LYS A 61 20.62 -28.20 -0.84
N THR A 62 20.73 -26.88 -0.83
CA THR A 62 21.66 -26.21 0.06
C THR A 62 20.94 -25.06 0.76
N PHE A 63 21.71 -24.54 1.73
CA PHE A 63 21.35 -23.37 2.49
C PHE A 63 22.12 -22.15 2.02
N ASN A 64 22.49 -22.09 0.72
CA ASN A 64 23.33 -20.97 0.32
C ASN A 64 22.54 -19.66 0.38
N GLY A 65 23.09 -18.67 1.07
CA GLY A 65 22.40 -17.40 1.25
C GLY A 65 21.49 -17.37 2.47
N TRP A 66 21.30 -18.53 3.14
CA TRP A 66 20.47 -18.61 4.31
C TRP A 66 21.29 -18.71 5.62
N ARG A 67 20.78 -18.14 6.69
CA ARG A 67 21.45 -18.23 7.98
C ARG A 67 20.44 -17.98 9.08
N GLY A 68 20.78 -18.43 10.30
CA GLY A 68 19.91 -18.14 11.41
C GLY A 68 19.81 -16.63 11.59
N TYR A 69 18.64 -16.13 11.97
CA TYR A 69 18.47 -14.75 12.41
C TYR A 69 19.44 -14.53 13.55
N GLY A 70 20.26 -13.49 13.44
CA GLY A 70 21.29 -13.16 14.41
C GLY A 70 22.53 -14.01 14.31
N LYS A 71 22.60 -15.00 13.37
CA LYS A 71 23.67 -15.98 13.34
C LYS A 71 24.52 -15.91 12.06
N ASP A 72 25.63 -16.68 12.10
CA ASP A 72 26.52 -16.86 10.92
C ASP A 72 26.46 -18.27 10.34
N ARG A 73 25.44 -19.02 10.75
CA ARG A 73 25.26 -20.40 10.30
C ARG A 73 23.76 -20.68 10.41
N VAL A 74 23.38 -21.83 9.87
CA VAL A 74 22.02 -22.29 9.92
C VAL A 74 21.86 -23.09 11.20
N PRO A 75 20.88 -22.81 12.10
CA PRO A 75 20.73 -23.70 13.26
C PRO A 75 20.47 -25.15 12.81
N SER A 76 20.96 -26.13 13.57
CA SER A 76 20.89 -27.52 13.13
C SER A 76 19.46 -28.04 13.14
N LYS A 77 18.50 -27.41 13.79
CA LYS A 77 17.13 -27.87 13.70
C LYS A 77 16.48 -27.51 12.37
N TRP A 78 17.10 -26.63 11.58
CA TRP A 78 16.70 -26.45 10.19
C TRP A 78 17.51 -27.38 9.31
N THR A 79 16.79 -28.21 8.53
CA THR A 79 17.39 -29.22 7.66
C THR A 79 16.78 -29.15 6.25
N ILE A 80 17.38 -29.89 5.34
CA ILE A 80 16.82 -30.02 4.03
C ILE A 80 16.34 -31.44 3.93
N GLU A 81 15.08 -31.64 3.56
CA GLU A 81 14.54 -32.99 3.40
C GLU A 81 13.54 -32.96 2.26
N ASP A 82 13.72 -33.89 1.32
CA ASP A 82 12.76 -34.10 0.24
C ASP A 82 12.58 -32.82 -0.59
N GLY A 83 13.66 -32.04 -0.83
CA GLY A 83 13.57 -30.78 -1.55
C GLY A 83 12.94 -29.62 -0.77
N CYS A 84 12.83 -29.71 0.54
CA CYS A 84 12.21 -28.65 1.33
C CYS A 84 13.21 -28.20 2.40
N ILE A 85 13.00 -26.96 2.85
CA ILE A 85 13.53 -26.46 4.10
C ILE A 85 12.56 -26.90 5.21
N LYS A 86 13.11 -27.60 6.20
CA LYS A 86 12.29 -28.18 7.24
C LYS A 86 12.81 -27.64 8.57
N PHE A 87 11.83 -27.23 9.40
CA PHE A 87 12.09 -27.02 10.83
C PHE A 87 11.74 -28.31 11.58
N ASN A 88 12.66 -28.76 12.44
CA ASN A 88 12.40 -29.96 13.22
C ASN A 88 12.05 -29.56 14.68
N GLY A 89 10.80 -29.67 15.07
CA GLY A 89 10.42 -28.99 16.28
C GLY A 89 10.47 -29.93 17.49
N SER A 90 10.69 -29.37 18.69
CA SER A 90 10.56 -30.16 19.92
C SER A 90 9.27 -29.85 20.74
N GLY A 91 8.38 -28.97 20.27
CA GLY A 91 7.13 -28.67 20.95
C GLY A 91 7.21 -27.63 22.10
N GLY A 92 8.19 -26.71 22.14
CA GLY A 92 8.26 -25.77 23.26
C GLY A 92 7.66 -24.39 22.94
N GLY A 93 6.82 -24.29 21.86
CA GLY A 93 6.15 -23.06 21.47
C GLY A 93 7.17 -21.95 21.12
N GLU A 94 7.09 -20.85 21.90
CA GLU A 94 7.95 -19.67 21.74
C GLU A 94 9.29 -19.83 22.48
N ALA A 95 9.50 -20.97 23.19
CA ALA A 95 10.72 -21.24 23.96
C ALA A 95 11.98 -21.15 23.08
N GLN A 96 12.02 -21.75 21.85
CA GLN A 96 13.18 -21.80 20.94
C GLN A 96 14.37 -22.40 21.70
N ASP A 97 14.17 -23.62 22.15
CA ASP A 97 15.13 -24.37 22.93
C ASP A 97 16.00 -25.20 21.96
N GLY A 98 17.18 -25.60 22.46
CA GLY A 98 18.20 -26.30 21.68
C GLY A 98 18.81 -25.39 20.60
N ASP A 99 19.13 -26.00 19.45
CA ASP A 99 19.82 -25.34 18.38
C ASP A 99 18.82 -24.88 17.28
N GLY A 100 17.96 -23.94 17.69
CA GLY A 100 16.82 -23.44 16.96
C GLY A 100 17.01 -21.97 16.66
N GLY A 101 15.91 -21.25 16.59
CA GLY A 101 15.96 -19.87 16.15
C GLY A 101 15.34 -19.73 14.75
N ASP A 102 14.95 -18.50 14.42
CA ASP A 102 14.37 -18.17 13.13
C ASP A 102 15.43 -18.19 12.04
N LEU A 103 14.96 -18.42 10.80
CA LEU A 103 15.83 -18.55 9.65
C LEU A 103 15.57 -17.40 8.68
N ILE A 104 16.63 -16.75 8.11
CA ILE A 104 16.51 -15.69 7.11
C ILE A 104 17.24 -16.10 5.82
N PHE A 105 16.76 -15.54 4.70
CA PHE A 105 17.53 -15.45 3.48
C PHE A 105 18.16 -14.08 3.57
N ALA A 106 19.47 -14.05 3.61
CA ALA A 106 20.21 -12.90 4.10
C ALA A 106 20.45 -11.92 2.95
N HIS A 107 19.37 -11.66 2.18
CA HIS A 107 19.35 -10.60 1.20
C HIS A 107 18.21 -9.64 1.48
N LYS A 108 18.54 -8.36 1.71
CA LYS A 108 17.47 -7.44 2.03
C LYS A 108 16.68 -7.16 0.75
N PHE A 109 15.37 -7.30 0.82
CA PHE A 109 14.52 -6.90 -0.30
C PHE A 109 13.64 -5.70 0.07
N LYS A 110 13.19 -4.96 -0.91
CA LYS A 110 12.41 -3.79 -0.61
C LYS A 110 11.04 -3.85 -1.26
N ASN A 111 11.05 -3.72 -2.61
CA ASN A 111 9.87 -3.98 -3.43
C ASN A 111 10.00 -5.34 -4.12
N PHE A 112 9.05 -6.24 -3.84
CA PHE A 112 9.21 -7.65 -4.15
C PHE A 112 7.85 -8.37 -4.03
N GLU A 113 7.81 -9.56 -4.65
CA GLU A 113 6.71 -10.49 -4.58
C GLU A 113 7.30 -11.88 -4.34
N LEU A 114 7.09 -12.35 -3.09
CA LEU A 114 7.40 -13.68 -2.63
C LEU A 114 6.27 -14.66 -2.86
N GLU A 115 6.67 -15.84 -3.33
CA GLU A 115 5.80 -17.00 -3.41
C GLU A 115 6.56 -18.24 -2.89
N MET A 116 5.90 -19.02 -2.07
CA MET A 116 6.45 -20.27 -1.54
C MET A 116 5.29 -21.12 -1.07
N GLU A 117 5.56 -22.40 -0.95
CA GLU A 117 4.62 -23.36 -0.43
C GLU A 117 5.04 -23.74 0.99
N TRP A 118 4.05 -24.07 1.85
CA TRP A 118 4.29 -24.48 3.23
C TRP A 118 3.29 -25.57 3.61
N LYS A 119 3.76 -26.49 4.45
CA LYS A 119 2.88 -27.48 5.04
C LYS A 119 3.21 -27.52 6.53
N VAL A 120 2.18 -27.72 7.36
CA VAL A 120 2.39 -27.90 8.81
C VAL A 120 2.00 -29.31 9.23
N SER A 121 2.65 -29.76 10.31
CA SER A 121 2.21 -30.84 11.15
C SER A 121 0.84 -30.51 11.79
N LYS A 122 0.11 -31.54 12.22
CA LYS A 122 -1.10 -31.32 13.02
C LYS A 122 -0.82 -30.50 14.30
N GLY A 123 -1.60 -29.47 14.53
CA GLY A 123 -1.40 -28.54 15.62
C GLY A 123 -0.20 -27.60 15.45
N GLY A 124 0.40 -27.57 14.24
CA GLY A 124 1.63 -26.82 14.03
C GLY A 124 1.46 -25.30 13.86
N ASN A 125 2.60 -24.62 14.02
CA ASN A 125 2.71 -23.20 14.10
C ASN A 125 4.09 -22.84 13.60
N SER A 126 4.12 -21.89 12.66
CA SER A 126 5.31 -21.22 12.22
C SER A 126 4.88 -19.87 11.67
N GLY A 127 5.68 -19.30 10.79
CA GLY A 127 5.28 -18.09 10.13
C GLY A 127 6.30 -17.68 9.11
N ILE A 128 5.93 -16.69 8.30
CA ILE A 128 6.82 -16.19 7.27
C ILE A 128 6.99 -14.70 7.54
N PHE A 129 8.25 -14.32 7.82
CA PHE A 129 8.52 -12.91 8.19
C PHE A 129 8.98 -12.20 6.91
N TYR A 130 8.80 -10.88 6.90
CA TYR A 130 9.24 -10.07 5.78
C TYR A 130 9.57 -8.68 6.30
N LEU A 131 10.45 -7.99 5.57
CA LEU A 131 11.02 -6.70 5.97
C LEU A 131 11.76 -6.77 7.31
N ALA A 132 12.31 -7.94 7.65
CA ALA A 132 12.93 -8.09 8.96
C ALA A 132 14.26 -7.33 9.05
N GLN A 133 14.55 -6.86 10.25
CA GLN A 133 15.86 -6.34 10.61
C GLN A 133 16.44 -7.14 11.76
N GLU A 134 17.78 -7.23 11.80
CA GLU A 134 18.46 -7.93 12.87
C GLU A 134 18.70 -6.83 13.92
N VAL A 135 18.02 -6.91 15.09
CA VAL A 135 18.01 -5.85 16.08
C VAL A 135 18.62 -6.38 17.36
N THR A 136 19.49 -5.55 17.98
CA THR A 136 19.98 -5.77 19.32
C THR A 136 19.62 -4.58 20.16
N SER A 137 19.48 -4.79 21.45
CA SER A 137 19.36 -3.75 22.45
C SER A 137 20.47 -3.98 23.45
N LYS A 138 20.61 -3.06 24.38
CA LYS A 138 21.66 -3.12 25.37
C LYS A 138 20.99 -3.44 26.69
N ASP A 139 21.59 -4.30 27.51
CA ASP A 139 21.05 -4.48 28.84
C ASP A 139 21.46 -3.34 29.76
N LYS A 140 21.19 -3.52 31.04
CA LYS A 140 21.48 -2.52 32.03
C LYS A 140 22.99 -2.43 32.23
N ASP A 141 23.79 -3.45 31.85
CA ASP A 141 25.22 -3.32 32.05
C ASP A 141 25.98 -3.12 30.72
N GLY A 142 25.23 -2.83 29.66
CA GLY A 142 25.79 -2.39 28.39
C GLY A 142 26.07 -3.58 27.46
N ASN A 143 25.67 -4.79 27.90
CA ASN A 143 25.76 -5.96 27.03
C ASN A 143 24.67 -5.91 25.95
N ASP A 144 24.95 -6.64 24.84
CA ASP A 144 24.01 -6.80 23.75
C ASP A 144 22.98 -7.88 24.11
N VAL A 145 21.74 -7.60 23.71
CA VAL A 145 20.64 -8.55 23.74
C VAL A 145 20.04 -8.58 22.34
N LEU A 146 20.07 -9.77 21.73
CA LEU A 146 19.46 -9.96 20.42
C LEU A 146 17.94 -9.97 20.62
N GLU A 147 17.23 -9.05 19.94
CA GLU A 147 15.80 -8.95 20.00
C GLU A 147 15.18 -9.87 18.96
N PRO A 148 13.91 -10.29 19.17
CA PRO A 148 13.19 -11.18 18.25
C PRO A 148 13.00 -10.53 16.89
N ILE A 149 12.98 -11.38 15.87
CA ILE A 149 12.64 -10.97 14.51
C ILE A 149 11.29 -10.24 14.44
N TYR A 150 10.33 -10.65 15.25
CA TYR A 150 8.96 -10.17 15.06
C TYR A 150 8.75 -8.77 15.68
N ILE A 151 9.76 -8.17 16.34
CA ILE A 151 9.56 -6.80 16.78
C ILE A 151 9.81 -5.80 15.66
N SER A 152 10.36 -6.30 14.57
CA SER A 152 10.64 -5.53 13.36
C SER A 152 9.86 -6.05 12.17
N ALA A 153 9.60 -7.36 12.13
CA ALA A 153 9.14 -7.96 10.91
C ALA A 153 7.67 -8.32 11.06
N PRO A 154 6.80 -7.80 10.18
CA PRO A 154 5.44 -8.34 9.96
C PRO A 154 5.49 -9.86 9.72
N GLU A 155 4.47 -10.52 10.25
CA GLU A 155 4.39 -11.97 10.28
C GLU A 155 3.18 -12.44 9.50
N TYR A 156 3.42 -13.25 8.44
CA TYR A 156 2.36 -14.01 7.77
C TYR A 156 2.27 -15.31 8.55
N GLN A 157 1.15 -15.47 9.29
CA GLN A 157 0.94 -16.61 10.15
C GLN A 157 0.96 -17.94 9.36
N VAL A 158 1.66 -18.93 9.92
CA VAL A 158 1.52 -20.29 9.42
C VAL A 158 0.96 -21.17 10.53
N LEU A 159 -0.18 -21.85 10.33
CA LEU A 159 -0.92 -22.43 11.45
C LEU A 159 -1.80 -23.58 10.94
N ASP A 160 -1.94 -24.66 11.74
CA ASP A 160 -3.04 -25.62 11.65
C ASP A 160 -4.26 -24.95 12.29
N ASN A 161 -5.10 -24.30 11.46
CA ASN A 161 -6.14 -23.46 12.00
C ASN A 161 -7.22 -24.29 12.74
N ASP A 162 -7.25 -25.60 12.52
CA ASP A 162 -8.24 -26.50 13.08
C ASP A 162 -7.79 -27.04 14.46
N ASN A 163 -6.48 -27.06 14.75
CA ASN A 163 -6.04 -27.74 15.96
C ASN A 163 -5.22 -26.85 16.90
N HIS A 164 -4.57 -25.84 16.40
CA HIS A 164 -3.76 -25.02 17.31
C HIS A 164 -4.67 -24.02 17.97
N PRO A 165 -4.70 -23.97 19.33
CA PRO A 165 -5.55 -23.06 20.11
C PRO A 165 -5.45 -21.58 19.75
N ASP A 166 -4.29 -21.13 19.27
CA ASP A 166 -4.09 -19.72 18.99
C ASP A 166 -5.10 -19.26 17.89
N ALA A 167 -5.48 -20.23 17.06
CA ALA A 167 -6.44 -20.02 16.00
C ALA A 167 -7.72 -19.33 16.49
N LYS A 168 -8.13 -19.64 17.71
CA LYS A 168 -9.39 -19.09 18.19
C LYS A 168 -9.19 -17.84 19.05
N LEU A 169 -7.97 -17.33 19.10
CA LEU A 169 -7.63 -16.16 19.91
C LEU A 169 -7.51 -14.91 19.04
N GLY A 170 -6.88 -13.88 19.62
CA GLY A 170 -6.82 -12.60 18.96
C GLY A 170 -8.25 -12.22 18.58
N LYS A 171 -8.40 -11.53 17.45
CA LYS A 171 -9.66 -10.98 17.03
C LYS A 171 -10.03 -11.31 15.57
N ASP A 172 -11.27 -11.78 15.39
CA ASP A 172 -11.87 -12.11 14.10
C ASP A 172 -10.92 -12.95 13.26
N ASN A 173 -10.31 -13.94 13.88
CA ASN A 173 -9.53 -14.97 13.20
C ASN A 173 -8.25 -14.38 12.63
N ASN A 174 -7.78 -13.34 13.33
CA ASN A 174 -6.56 -12.68 12.97
C ASN A 174 -5.31 -13.39 13.44
N ARG A 175 -5.43 -14.62 13.99
CA ARG A 175 -4.24 -15.45 14.22
C ARG A 175 -4.27 -16.76 13.45
N GLN A 176 -5.22 -16.86 12.51
CA GLN A 176 -5.20 -17.94 11.53
C GLN A 176 -4.25 -17.70 10.35
N SER A 177 -3.92 -18.78 9.62
CA SER A 177 -2.87 -18.76 8.59
C SER A 177 -3.15 -17.65 7.59
N ALA A 178 -2.06 -17.02 7.14
CA ALA A 178 -2.03 -15.99 6.09
C ALA A 178 -2.52 -14.67 6.68
N SER A 179 -2.87 -14.67 7.98
CA SER A 179 -3.15 -13.39 8.65
C SER A 179 -1.85 -12.62 8.78
N LEU A 180 -1.99 -11.30 8.84
CA LEU A 180 -0.98 -10.48 9.48
C LEU A 180 -1.15 -10.69 10.96
N TYR A 181 -0.18 -11.36 11.58
CA TYR A 181 -0.41 -12.00 12.84
C TYR A 181 -0.90 -10.96 13.85
N ASP A 182 -2.02 -11.28 14.50
CA ASP A 182 -2.64 -10.54 15.59
C ASP A 182 -3.17 -9.19 15.08
N MET A 183 -3.15 -8.92 13.79
CA MET A 183 -3.50 -7.60 13.30
C MET A 183 -4.55 -7.63 12.19
N ILE A 184 -4.41 -8.41 11.12
CA ILE A 184 -5.44 -8.40 10.09
C ILE A 184 -5.73 -9.83 9.74
N PRO A 185 -7.01 -10.30 9.73
CA PRO A 185 -7.31 -11.69 9.41
C PRO A 185 -7.23 -11.92 7.92
N ALA A 186 -6.89 -13.14 7.51
CA ALA A 186 -6.99 -13.47 6.12
C ALA A 186 -8.47 -13.64 5.81
N VAL A 187 -8.93 -13.09 4.71
CA VAL A 187 -10.34 -13.21 4.36
C VAL A 187 -10.35 -13.41 2.85
N PRO A 188 -10.72 -14.56 2.27
CA PRO A 188 -11.29 -15.68 3.01
C PRO A 188 -10.22 -16.53 3.64
N GLN A 189 -10.62 -17.32 4.63
CA GLN A 189 -9.71 -18.22 5.32
C GLN A 189 -9.68 -19.58 4.60
N ASN A 190 -8.86 -19.70 3.55
CA ASN A 190 -9.00 -20.77 2.55
C ASN A 190 -7.82 -21.75 2.66
N ALA A 191 -7.27 -21.82 3.86
CA ALA A 191 -6.20 -22.74 4.14
C ALA A 191 -6.61 -24.18 3.81
N LYS A 192 -5.62 -24.95 3.38
CA LYS A 192 -5.81 -26.38 3.32
C LYS A 192 -5.55 -26.99 4.69
N PRO A 193 -6.07 -28.18 5.01
CA PRO A 193 -5.78 -28.83 6.29
C PRO A 193 -4.32 -29.17 6.52
N PHE A 194 -4.00 -29.47 7.80
CA PHE A 194 -2.66 -29.84 8.16
C PHE A 194 -2.18 -31.02 7.29
N GLY A 195 -0.86 -31.01 7.04
CA GLY A 195 -0.22 -32.05 6.27
C GLY A 195 -0.44 -31.84 4.76
N GLU A 196 -1.10 -30.77 4.32
CA GLU A 196 -1.36 -30.47 2.90
C GLU A 196 -0.61 -29.19 2.53
N TRP A 197 -0.11 -29.08 1.28
CA TRP A 197 0.55 -27.85 0.85
C TRP A 197 -0.40 -26.65 0.65
N ASN A 198 -0.03 -25.56 1.28
CA ASN A 198 -0.53 -24.24 1.04
C ASN A 198 0.45 -23.38 0.25
N LYS A 199 -0.14 -22.52 -0.58
CA LYS A 199 0.62 -21.55 -1.33
C LYS A 199 0.53 -20.18 -0.65
N ALA A 200 1.68 -19.55 -0.44
CA ALA A 200 1.74 -18.22 0.11
C ALA A 200 2.26 -17.27 -0.93
N LYS A 201 1.75 -16.04 -0.76
CA LYS A 201 2.17 -14.87 -1.49
C LYS A 201 2.20 -13.69 -0.51
N ILE A 202 3.34 -13.01 -0.57
CA ILE A 202 3.55 -11.70 0.02
C ILE A 202 4.18 -10.76 -1.00
N MET A 203 3.43 -9.67 -1.27
CA MET A 203 3.93 -8.63 -2.13
C MET A 203 4.00 -7.35 -1.30
N VAL A 204 5.15 -6.70 -1.36
CA VAL A 204 5.33 -5.36 -0.86
C VAL A 204 5.72 -4.54 -2.08
N TYR A 205 4.91 -3.57 -2.39
CA TYR A 205 5.22 -2.63 -3.46
C TYR A 205 4.96 -1.18 -3.01
N LYS A 206 6.01 -0.41 -2.83
CA LYS A 206 5.94 0.98 -2.43
C LYS A 206 5.00 1.16 -1.24
N GLY A 207 5.17 0.28 -0.26
CA GLY A 207 4.42 0.32 0.97
C GLY A 207 3.13 -0.48 0.94
N THR A 208 2.52 -0.77 -0.24
CA THR A 208 1.31 -1.57 -0.26
C THR A 208 1.72 -3.01 -0.04
N VAL A 209 0.98 -3.73 0.83
CA VAL A 209 1.27 -5.10 1.18
C VAL A 209 0.04 -5.91 0.89
N VAL A 210 0.22 -7.05 0.23
CA VAL A 210 -0.87 -7.96 0.01
C VAL A 210 -0.40 -9.33 0.41
N HIS A 211 -1.29 -10.01 1.19
CA HIS A 211 -1.02 -11.42 1.41
C HIS A 211 -1.91 -12.22 0.50
N GLY A 212 -1.32 -13.32 -0.03
CA GLY A 212 -2.08 -14.33 -0.72
C GLY A 212 -2.02 -15.66 0.02
N GLN A 213 -3.13 -16.42 -0.08
CA GLN A 213 -3.16 -17.83 0.29
C GLN A 213 -3.91 -18.70 -0.77
N ASN A 214 -3.24 -19.74 -1.28
CA ASN A 214 -3.84 -20.65 -2.26
C ASN A 214 -4.52 -19.91 -3.39
N ASP A 215 -3.78 -18.92 -3.92
CA ASP A 215 -4.11 -18.13 -5.08
C ASP A 215 -5.34 -17.26 -4.82
N GLU A 216 -5.53 -16.79 -3.59
CA GLU A 216 -6.51 -15.73 -3.38
C GLU A 216 -5.80 -14.68 -2.57
N ASN A 217 -6.14 -13.44 -2.87
CA ASN A 217 -5.57 -12.34 -2.11
C ASN A 217 -6.39 -12.17 -0.84
N VAL A 218 -5.78 -12.27 0.35
CA VAL A 218 -6.61 -12.42 1.56
C VAL A 218 -6.61 -11.20 2.51
N LEU A 219 -5.75 -10.19 2.25
CA LEU A 219 -5.72 -8.93 2.98
C LEU A 219 -4.81 -7.98 2.23
N GLU A 220 -5.04 -6.69 2.43
CA GLU A 220 -4.21 -5.67 1.83
C GLU A 220 -4.03 -4.63 2.92
N TYR A 221 -2.83 -4.12 3.12
CA TYR A 221 -2.64 -2.89 3.89
C TYR A 221 -1.47 -2.06 3.35
N HIS A 222 -1.28 -0.91 4.00
CA HIS A 222 -0.30 0.07 3.56
C HIS A 222 0.60 0.54 4.70
N LEU A 223 1.88 0.20 4.59
CA LEU A 223 2.91 0.63 5.54
C LEU A 223 3.03 2.16 5.65
N TRP A 224 3.43 2.61 6.87
CA TRP A 224 3.88 3.97 7.14
C TRP A 224 2.73 4.94 6.98
N THR A 225 1.49 4.49 7.07
CA THR A 225 0.35 5.38 7.15
C THR A 225 -0.12 5.55 8.60
N LYS A 226 -1.09 6.46 8.79
CA LYS A 226 -1.74 6.55 10.09
C LYS A 226 -2.53 5.24 10.32
N GLN A 227 -2.93 4.55 9.23
CA GLN A 227 -3.75 3.35 9.32
C GLN A 227 -2.90 2.23 9.89
N TRP A 228 -1.65 2.12 9.36
CA TRP A 228 -0.61 1.29 9.90
C TRP A 228 -0.32 1.63 11.37
N THR A 229 -0.01 2.89 11.71
CA THR A 229 0.17 3.27 13.10
C THR A 229 -1.04 2.79 13.92
N ASP A 230 -2.27 3.01 13.45
CA ASP A 230 -3.47 2.68 14.18
C ASP A 230 -3.57 1.16 14.47
N LEU A 231 -3.16 0.34 13.50
CA LEU A 231 -3.21 -1.11 13.67
C LEU A 231 -2.21 -1.53 14.76
N LEU A 232 -1.00 -0.97 14.68
CA LEU A 232 0.04 -1.24 15.65
C LEU A 232 -0.41 -0.89 17.07
N GLN A 233 -1.08 0.27 17.19
CA GLN A 233 -1.47 0.84 18.47
C GLN A 233 -2.55 -0.04 19.12
N ALA A 234 -3.24 -0.86 18.34
CA ALA A 234 -4.27 -1.71 18.93
C ALA A 234 -3.75 -3.13 19.10
N SER A 235 -2.41 -3.32 19.00
CA SER A 235 -1.77 -4.63 18.94
C SER A 235 -0.89 -4.77 20.18
N LYS A 236 -0.30 -5.96 20.30
CA LYS A 236 0.66 -6.32 21.35
C LYS A 236 1.97 -5.56 21.19
N PHE A 237 2.15 -4.88 20.04
CA PHE A 237 3.36 -4.11 19.78
C PHE A 237 3.07 -2.62 19.76
N SER A 238 1.99 -2.22 20.45
CA SER A 238 1.66 -0.85 20.70
C SER A 238 2.77 -0.14 21.45
N GLN A 239 2.75 1.19 21.40
CA GLN A 239 3.86 1.96 21.88
C GLN A 239 3.93 1.89 23.39
N ASP A 240 2.76 1.88 23.99
CA ASP A 240 2.66 1.68 25.42
C ASP A 240 3.17 0.31 25.88
N LYS A 241 2.78 -0.76 25.22
CA LYS A 241 3.14 -2.10 25.66
C LYS A 241 4.60 -2.41 25.32
N TRP A 242 5.04 -2.12 24.08
CA TRP A 242 6.34 -2.57 23.66
C TRP A 242 7.02 -1.50 22.81
N PRO A 243 7.55 -0.42 23.39
CA PRO A 243 8.02 0.75 22.64
C PRO A 243 9.03 0.47 21.52
N LEU A 244 9.97 -0.47 21.76
CA LEU A 244 10.99 -0.72 20.78
C LEU A 244 10.29 -1.35 19.56
N ALA A 245 9.32 -2.24 19.80
CA ALA A 245 8.69 -2.93 18.69
C ALA A 245 7.84 -1.94 17.92
N PHE A 246 7.16 -1.05 18.66
CA PHE A 246 6.41 0.05 18.08
C PHE A 246 7.29 0.84 17.10
N GLU A 247 8.45 1.30 17.55
CA GLU A 247 9.32 2.18 16.79
C GLU A 247 9.75 1.46 15.52
N LEU A 248 10.16 0.18 15.63
CA LEU A 248 10.69 -0.54 14.49
C LEU A 248 9.57 -0.77 13.48
N LEU A 249 8.43 -1.31 13.95
CA LEU A 249 7.37 -1.64 13.00
C LEU A 249 6.71 -0.36 12.46
N ASN A 250 6.50 0.67 13.27
CA ASN A 250 5.89 1.87 12.76
C ASN A 250 6.71 2.44 11.61
N ASN A 251 8.04 2.22 11.60
CA ASN A 251 8.90 2.58 10.47
C ASN A 251 9.43 1.35 9.81
N CYS A 252 8.49 0.44 9.51
CA CYS A 252 8.84 -0.92 9.08
C CYS A 252 9.94 -0.89 8.03
N GLY A 253 11.03 -1.60 8.30
CA GLY A 253 12.07 -1.76 7.30
C GLY A 253 13.20 -0.75 7.43
N GLY A 254 13.13 0.03 8.52
CA GLY A 254 14.19 0.98 8.85
C GLY A 254 14.24 2.11 7.84
N GLU A 255 15.36 2.84 7.88
CA GLU A 255 15.43 4.09 7.15
C GLU A 255 15.38 3.83 5.64
N ASN A 256 15.76 2.64 5.17
CA ASN A 256 15.66 2.35 3.75
C ASN A 256 14.44 1.49 3.41
N HIS A 257 13.56 1.18 4.37
CA HIS A 257 12.32 0.48 4.07
C HIS A 257 12.59 -0.86 3.35
N GLU A 258 13.49 -1.70 3.91
CA GLU A 258 13.84 -2.98 3.29
C GLU A 258 14.26 -3.93 4.41
N GLY A 259 14.25 -5.24 4.10
CA GLY A 259 14.61 -6.22 5.10
C GLY A 259 14.40 -7.62 4.61
N PHE A 260 14.57 -8.54 5.53
CA PHE A 260 14.77 -9.92 5.12
C PHE A 260 13.42 -10.65 5.11
N ILE A 261 13.39 -11.67 4.26
CA ILE A 261 12.38 -12.73 4.30
C ILE A 261 12.95 -13.80 5.20
N GLY A 262 12.10 -14.44 5.98
CA GLY A 262 12.50 -15.60 6.75
C GLY A 262 11.33 -16.41 7.28
N MET A 263 11.61 -17.44 8.11
CA MET A 263 10.58 -18.33 8.60
C MET A 263 10.85 -18.60 10.08
N GLN A 264 9.81 -19.03 10.79
CA GLN A 264 9.83 -18.99 12.24
C GLN A 264 10.09 -20.38 12.84
N ASP A 265 10.94 -20.40 13.86
CA ASP A 265 10.95 -21.46 14.86
C ASP A 265 9.88 -21.22 15.92
N HIS A 266 8.76 -21.96 15.89
CA HIS A 266 7.77 -22.00 16.95
C HIS A 266 7.65 -23.44 17.47
N GLY A 267 8.74 -24.18 17.39
CA GLY A 267 8.82 -25.46 18.10
C GLY A 267 8.14 -26.63 17.38
N ASP A 268 7.67 -26.42 16.14
CA ASP A 268 6.85 -27.44 15.47
C ASP A 268 7.40 -27.72 14.08
N ASP A 269 7.37 -29.02 13.69
CA ASP A 269 7.67 -29.45 12.35
C ASP A 269 6.88 -28.60 11.32
N VAL A 270 7.61 -28.06 10.33
CA VAL A 270 6.98 -27.34 9.22
C VAL A 270 7.94 -27.46 8.03
N TRP A 271 7.40 -27.47 6.81
CA TRP A 271 8.18 -27.67 5.60
C TRP A 271 7.91 -26.51 4.66
N PHE A 272 8.96 -26.05 3.98
CA PHE A 272 8.85 -24.94 3.08
C PHE A 272 9.48 -25.29 1.75
N ARG A 273 8.83 -24.97 0.65
CA ARG A 273 9.41 -25.27 -0.68
C ARG A 273 8.95 -24.27 -1.75
N ASN A 274 9.59 -24.36 -2.93
CA ASN A 274 9.23 -23.56 -4.10
C ASN A 274 9.27 -22.05 -3.74
N ILE A 275 10.35 -21.66 -3.08
CA ILE A 275 10.60 -20.33 -2.60
C ILE A 275 11.23 -19.47 -3.69
N ARG A 276 10.50 -18.47 -4.17
CA ARG A 276 10.82 -17.60 -5.27
C ARG A 276 10.47 -16.15 -4.92
N VAL A 277 11.34 -15.22 -5.31
CA VAL A 277 11.10 -13.81 -5.16
C VAL A 277 11.32 -13.07 -6.47
N LYS A 278 10.31 -12.30 -6.86
CA LYS A 278 10.40 -11.35 -7.93
C LYS A 278 10.71 -9.96 -7.35
N VAL A 279 11.79 -9.32 -7.84
CA VAL A 279 12.10 -7.95 -7.50
C VAL A 279 11.25 -7.05 -8.39
N LEU A 280 10.54 -6.10 -7.76
CA LEU A 280 9.73 -5.12 -8.46
C LEU A 280 10.45 -3.76 -8.35
N ASP A 281 10.29 -2.92 -9.35
CA ASP A 281 10.75 -1.53 -9.20
C ASP A 281 9.67 -0.54 -9.72
N ALA B 26 -15.28 38.92 -20.34
CA ALA B 26 -15.35 37.89 -21.41
C ALA B 26 -14.00 37.15 -21.47
N ASN B 27 -12.89 37.84 -21.11
CA ASN B 27 -11.57 37.22 -21.13
C ASN B 27 -11.28 36.49 -19.81
N GLU B 28 -11.80 37.01 -18.72
CA GLU B 28 -11.52 36.47 -17.41
C GLU B 28 -12.78 36.28 -16.59
N VAL B 29 -12.64 35.42 -15.60
CA VAL B 29 -13.64 35.23 -14.58
C VAL B 29 -12.98 35.14 -13.20
N ALA B 30 -13.69 35.75 -12.26
CA ALA B 30 -13.27 35.77 -10.88
C ALA B 30 -13.59 34.44 -10.23
N VAL B 31 -12.58 33.79 -9.64
CA VAL B 31 -12.72 32.47 -9.05
C VAL B 31 -12.25 32.53 -7.59
N SER B 32 -13.19 32.27 -6.69
CA SER B 32 -12.92 32.38 -5.29
C SER B 32 -12.08 31.17 -4.85
N TYR B 33 -11.26 31.38 -3.81
CA TYR B 33 -10.53 30.27 -3.22
C TYR B 33 -10.23 30.52 -1.77
N SER B 34 -9.92 29.41 -1.10
CA SER B 34 -9.63 29.40 0.32
C SER B 34 -8.14 29.16 0.55
N LYS B 35 -7.61 29.62 1.71
CA LYS B 35 -6.19 29.66 1.98
C LYS B 35 -5.73 28.59 2.99
N SER B 36 -6.64 27.96 3.75
CA SER B 36 -6.25 27.04 4.80
C SER B 36 -7.39 26.11 5.07
N LEU B 37 -7.17 25.12 5.95
CA LEU B 37 -8.11 24.05 6.24
C LEU B 37 -9.50 24.61 6.61
N LYS B 38 -10.51 24.28 5.80
CA LYS B 38 -11.93 24.55 6.07
C LYS B 38 -12.29 26.02 6.06
N ALA B 39 -11.40 26.89 5.52
CA ALA B 39 -11.64 28.30 5.52
C ALA B 39 -12.60 28.70 4.40
N ALA B 40 -13.31 29.81 4.60
CA ALA B 40 -14.08 30.51 3.56
C ALA B 40 -13.23 30.79 2.31
N GLU B 41 -13.87 30.81 1.16
CA GLU B 41 -13.24 31.28 -0.04
C GLU B 41 -13.41 32.79 -0.12
N MET B 42 -12.56 33.53 0.62
CA MET B 42 -12.76 34.97 0.82
C MET B 42 -11.80 35.81 -0.04
N ASP B 43 -10.99 35.21 -0.89
CA ASP B 43 -10.23 35.89 -1.92
C ASP B 43 -10.58 35.31 -3.29
N SER B 44 -10.29 36.07 -4.38
CA SER B 44 -10.52 35.63 -5.76
C SER B 44 -9.28 35.78 -6.64
N LEU B 45 -9.21 34.94 -7.66
CA LEU B 45 -8.27 35.07 -8.77
C LEU B 45 -9.01 35.44 -10.03
N GLN B 46 -8.39 36.25 -10.89
CA GLN B 46 -8.93 36.50 -12.23
C GLN B 46 -8.30 35.47 -13.13
N LEU B 47 -9.10 34.51 -13.60
CA LEU B 47 -8.49 33.42 -14.35
C LEU B 47 -9.07 33.45 -15.75
N PRO B 48 -8.28 33.07 -16.76
CA PRO B 48 -8.76 33.10 -18.13
C PRO B 48 -9.89 32.08 -18.37
N VAL B 49 -10.85 32.43 -19.23
CA VAL B 49 -11.92 31.55 -19.66
C VAL B 49 -11.93 31.67 -21.17
N ASP B 50 -12.09 30.56 -21.89
CA ASP B 50 -12.07 30.50 -23.35
C ASP B 50 -13.50 30.71 -23.82
N ALA B 51 -13.72 30.63 -25.14
CA ALA B 51 -15.02 30.85 -25.79
C ALA B 51 -16.06 29.84 -25.29
N ASP B 52 -15.61 28.63 -24.89
CA ASP B 52 -16.51 27.54 -24.53
C ASP B 52 -16.74 27.43 -23.02
N GLY B 53 -16.15 28.34 -22.23
CA GLY B 53 -16.36 28.48 -20.80
C GLY B 53 -15.36 27.70 -19.94
N TYR B 54 -14.30 27.21 -20.59
CA TYR B 54 -13.30 26.50 -19.80
C TYR B 54 -12.39 27.56 -19.17
N ILE B 55 -12.22 27.42 -17.84
CA ILE B 55 -11.42 28.27 -16.96
C ILE B 55 -10.05 27.61 -16.82
N THR B 56 -8.95 28.30 -17.17
CA THR B 56 -7.67 27.65 -16.93
C THR B 56 -7.26 27.89 -15.48
N ILE B 57 -7.16 26.82 -14.73
CA ILE B 57 -6.97 26.91 -13.27
C ILE B 57 -5.53 26.75 -12.83
N PHE B 58 -4.69 26.25 -13.76
CA PHE B 58 -3.25 26.17 -13.55
C PHE B 58 -2.58 26.97 -14.67
N ASP B 59 -1.86 28.05 -14.31
CA ASP B 59 -1.39 29.06 -15.24
C ASP B 59 -0.03 28.67 -15.86
N GLY B 60 0.54 27.54 -15.42
CA GLY B 60 1.79 27.00 -15.95
C GLY B 60 3.03 27.57 -15.23
N LYS B 61 2.79 28.47 -14.27
CA LYS B 61 3.85 29.25 -13.67
C LYS B 61 3.77 29.30 -12.15
N THR B 62 2.57 29.28 -11.55
CA THR B 62 2.42 29.55 -10.13
C THR B 62 1.43 28.53 -9.57
N PHE B 63 1.36 28.44 -8.22
CA PHE B 63 0.32 27.67 -7.58
C PHE B 63 -0.80 28.55 -7.02
N ASN B 64 -1.06 29.71 -7.64
CA ASN B 64 -2.14 30.53 -7.17
C ASN B 64 -3.48 29.78 -7.11
N GLY B 65 -4.13 29.84 -5.95
CA GLY B 65 -5.38 29.14 -5.61
C GLY B 65 -5.22 27.66 -5.26
N TRP B 66 -3.98 27.12 -5.36
CA TRP B 66 -3.71 25.76 -4.99
C TRP B 66 -3.06 25.72 -3.62
N ARG B 67 -3.31 24.62 -2.90
CA ARG B 67 -2.69 24.32 -1.60
C ARG B 67 -2.77 22.82 -1.33
N GLY B 68 -1.97 22.39 -0.39
CA GLY B 68 -2.05 21.01 0.11
C GLY B 68 -3.39 20.78 0.81
N TYR B 69 -3.96 19.59 0.57
CA TYR B 69 -5.11 19.13 1.31
C TYR B 69 -4.79 19.31 2.79
N GLY B 70 -5.65 20.05 3.51
CA GLY B 70 -5.44 20.26 4.92
C GLY B 70 -4.42 21.34 5.27
N LYS B 71 -3.80 21.96 4.30
CA LYS B 71 -2.69 22.86 4.58
C LYS B 71 -2.94 24.28 4.09
N ASP B 72 -1.99 25.15 4.38
CA ASP B 72 -2.16 26.54 4.02
C ASP B 72 -1.05 26.90 3.04
N ARG B 73 -0.39 25.89 2.49
CA ARG B 73 0.75 26.04 1.60
C ARG B 73 0.78 24.85 0.66
N VAL B 74 1.56 24.96 -0.41
CA VAL B 74 1.85 23.82 -1.28
C VAL B 74 3.08 23.04 -0.75
N PRO B 75 2.95 21.75 -0.47
CA PRO B 75 4.12 20.96 -0.10
C PRO B 75 5.20 21.11 -1.17
N SER B 76 6.46 21.15 -0.71
CA SER B 76 7.58 21.33 -1.62
C SER B 76 7.81 20.14 -2.56
N LYS B 77 7.19 18.97 -2.33
CA LYS B 77 7.31 17.86 -3.27
C LYS B 77 6.47 18.07 -4.51
N TRP B 78 5.60 19.08 -4.51
CA TRP B 78 4.95 19.50 -5.72
C TRP B 78 5.72 20.64 -6.32
N THR B 79 6.12 20.52 -7.57
CA THR B 79 6.85 21.62 -8.16
C THR B 79 6.21 21.99 -9.49
N ILE B 80 6.72 23.04 -10.12
CA ILE B 80 6.29 23.43 -11.45
C ILE B 80 7.49 23.27 -12.38
N GLU B 81 7.34 22.46 -13.42
CA GLU B 81 8.40 22.15 -14.36
C GLU B 81 7.82 22.17 -15.76
N ASP B 82 8.40 22.96 -16.67
CA ASP B 82 8.01 22.92 -18.08
C ASP B 82 6.49 23.05 -18.25
N GLY B 83 5.90 24.04 -17.55
CA GLY B 83 4.48 24.31 -17.56
C GLY B 83 3.58 23.17 -17.06
N CYS B 84 4.09 22.28 -16.20
CA CYS B 84 3.35 21.21 -15.58
C CYS B 84 3.44 21.36 -14.06
N ILE B 85 2.38 20.91 -13.35
CA ILE B 85 2.47 20.52 -11.97
C ILE B 85 3.10 19.13 -11.97
N LYS B 86 4.22 19.03 -11.25
CA LYS B 86 4.91 17.78 -10.98
C LYS B 86 4.88 17.43 -9.48
N PHE B 87 4.48 16.18 -9.20
CA PHE B 87 4.73 15.58 -7.90
C PHE B 87 6.07 14.87 -7.98
N ASN B 88 6.92 15.12 -6.98
CA ASN B 88 8.28 14.56 -6.98
C ASN B 88 8.34 13.44 -5.95
N GLY B 89 8.45 12.21 -6.45
CA GLY B 89 8.09 11.08 -5.58
C GLY B 89 9.31 10.30 -5.11
N SER B 90 9.28 9.83 -3.85
CA SER B 90 10.40 9.06 -3.34
C SER B 90 10.04 7.59 -3.11
N GLY B 91 8.81 7.15 -3.49
CA GLY B 91 8.43 5.74 -3.56
C GLY B 91 7.79 5.10 -2.31
N GLY B 92 7.05 5.85 -1.47
CA GLY B 92 6.47 5.23 -0.27
C GLY B 92 4.94 5.05 -0.31
N GLY B 93 4.35 5.12 -1.53
CA GLY B 93 2.97 4.72 -1.73
C GLY B 93 2.09 5.72 -1.02
N GLU B 94 1.24 5.28 -0.06
CA GLU B 94 0.35 6.20 0.64
C GLU B 94 1.12 6.83 1.81
N ALA B 95 2.40 6.52 1.99
CA ALA B 95 3.08 7.06 3.18
C ALA B 95 3.02 8.60 3.25
N GLN B 96 3.15 9.27 2.10
CA GLN B 96 3.21 10.75 2.02
C GLN B 96 4.30 11.23 3.00
N ASP B 97 5.48 10.60 2.86
CA ASP B 97 6.67 10.98 3.61
C ASP B 97 7.25 12.28 3.03
N GLY B 98 8.14 12.87 3.83
CA GLY B 98 8.79 14.13 3.50
C GLY B 98 7.76 15.25 3.46
N ASP B 99 8.00 16.25 2.62
CA ASP B 99 7.06 17.36 2.56
C ASP B 99 6.06 17.15 1.41
N GLY B 100 5.16 16.17 1.61
CA GLY B 100 4.14 15.76 0.67
C GLY B 100 2.70 16.04 1.11
N GLY B 101 1.83 15.18 0.60
CA GLY B 101 0.41 15.34 0.75
C GLY B 101 -0.26 15.63 -0.57
N ASP B 102 -1.55 15.38 -0.61
CA ASP B 102 -2.33 15.61 -1.79
C ASP B 102 -2.49 17.11 -2.00
N LEU B 103 -2.74 17.46 -3.26
CA LEU B 103 -2.87 18.87 -3.64
C LEU B 103 -4.26 19.12 -4.14
N ILE B 104 -4.85 20.22 -3.70
CA ILE B 104 -6.16 20.69 -4.18
C ILE B 104 -6.06 22.07 -4.79
N PHE B 105 -6.92 22.30 -5.76
CA PHE B 105 -7.32 23.63 -6.15
C PHE B 105 -8.47 24.06 -5.26
N ALA B 106 -8.23 25.14 -4.52
CA ALA B 106 -9.06 25.40 -3.33
C ALA B 106 -10.31 26.23 -3.65
N HIS B 107 -11.03 25.79 -4.69
CA HIS B 107 -12.32 26.31 -5.09
C HIS B 107 -13.30 25.14 -5.19
N LYS B 108 -14.39 25.15 -4.39
CA LYS B 108 -15.36 24.06 -4.46
C LYS B 108 -16.18 24.19 -5.74
N PHE B 109 -16.27 23.11 -6.53
CA PHE B 109 -17.13 23.05 -7.71
C PHE B 109 -18.29 22.09 -7.40
N LYS B 110 -19.40 22.29 -8.14
CA LYS B 110 -20.62 21.49 -8.00
C LYS B 110 -20.88 20.75 -9.33
N ASN B 111 -21.26 21.53 -10.33
CA ASN B 111 -21.51 21.00 -11.64
C ASN B 111 -20.41 21.57 -12.51
N PHE B 112 -19.61 20.70 -13.16
CA PHE B 112 -18.40 21.19 -13.76
C PHE B 112 -17.89 20.13 -14.68
N GLU B 113 -17.04 20.56 -15.61
CA GLU B 113 -16.30 19.64 -16.46
C GLU B 113 -14.83 20.01 -16.39
N LEU B 114 -14.02 19.06 -15.94
CA LEU B 114 -12.60 19.16 -15.83
C LEU B 114 -11.93 18.40 -16.97
N GLU B 115 -10.98 19.07 -17.62
CA GLU B 115 -10.07 18.45 -18.57
C GLU B 115 -8.65 18.79 -18.15
N MET B 116 -7.79 17.79 -18.32
CA MET B 116 -6.36 17.95 -18.06
C MET B 116 -5.60 16.82 -18.75
N GLU B 117 -4.30 17.09 -19.03
CA GLU B 117 -3.35 16.08 -19.42
C GLU B 117 -2.61 15.54 -18.18
N TRP B 118 -2.31 14.26 -18.24
CA TRP B 118 -1.52 13.61 -17.20
C TRP B 118 -0.58 12.59 -17.83
N LYS B 119 0.57 12.45 -17.17
CA LYS B 119 1.61 11.50 -17.51
C LYS B 119 2.18 10.89 -16.23
N VAL B 120 2.24 9.55 -16.15
CA VAL B 120 2.82 8.85 -14.99
C VAL B 120 4.18 8.26 -15.29
N SER B 121 5.00 8.12 -14.23
CA SER B 121 6.31 7.48 -14.33
C SER B 121 6.12 5.95 -14.39
N LYS B 122 7.13 5.22 -14.86
CA LYS B 122 7.06 3.77 -14.85
C LYS B 122 6.83 3.22 -13.42
N GLY B 123 5.94 2.24 -13.30
CA GLY B 123 5.50 1.72 -12.01
C GLY B 123 4.72 2.76 -11.19
N GLY B 124 4.32 3.88 -11.80
CA GLY B 124 3.81 4.99 -11.02
C GLY B 124 2.31 4.91 -10.72
N ASN B 125 1.88 5.67 -9.70
CA ASN B 125 0.53 5.72 -9.20
C ASN B 125 0.28 7.19 -8.81
N SER B 126 -0.83 7.78 -9.27
CA SER B 126 -1.39 9.02 -8.69
C SER B 126 -2.92 8.98 -8.87
N GLY B 127 -3.56 10.12 -9.08
CA GLY B 127 -5.03 10.13 -9.02
C GLY B 127 -5.51 11.57 -9.13
N ILE B 128 -6.69 11.69 -9.72
CA ILE B 128 -7.42 12.95 -9.75
C ILE B 128 -8.68 12.78 -8.90
N PHE B 129 -8.72 13.57 -7.82
CA PHE B 129 -9.86 13.64 -6.91
C PHE B 129 -10.85 14.72 -7.35
N TYR B 130 -12.12 14.58 -6.93
CA TYR B 130 -13.18 15.53 -7.22
C TYR B 130 -14.26 15.41 -6.13
N LEU B 131 -15.00 16.48 -5.95
CA LEU B 131 -15.99 16.65 -4.92
C LEU B 131 -15.34 16.40 -3.56
N ALA B 132 -14.04 16.67 -3.44
CA ALA B 132 -13.38 16.44 -2.17
C ALA B 132 -13.81 17.41 -1.05
N GLN B 133 -13.86 16.92 0.18
CA GLN B 133 -14.04 17.72 1.39
C GLN B 133 -12.76 17.55 2.25
N GLU B 134 -12.39 18.62 3.00
CA GLU B 134 -11.40 18.54 4.06
C GLU B 134 -12.08 18.09 5.34
N VAL B 135 -11.77 16.84 5.75
CA VAL B 135 -12.42 16.18 6.83
C VAL B 135 -11.45 15.93 7.96
N THR B 136 -11.89 16.24 9.15
CA THR B 136 -11.22 15.84 10.38
C THR B 136 -12.16 14.97 11.21
N SER B 137 -11.57 14.04 11.99
CA SER B 137 -12.26 13.31 13.03
C SER B 137 -11.63 13.67 14.37
N LYS B 138 -12.26 13.28 15.48
CA LYS B 138 -11.73 13.47 16.83
C LYS B 138 -11.13 12.17 17.36
N ASP B 139 -9.92 12.19 17.94
CA ASP B 139 -9.36 11.00 18.52
C ASP B 139 -10.02 10.77 19.87
N LYS B 140 -9.54 9.76 20.57
CA LYS B 140 -10.04 9.31 21.86
C LYS B 140 -9.89 10.43 22.89
N ASP B 141 -8.95 11.35 22.72
CA ASP B 141 -8.70 12.36 23.73
C ASP B 141 -9.24 13.71 23.28
N GLY B 142 -9.93 13.80 22.14
CA GLY B 142 -10.46 15.05 21.62
C GLY B 142 -9.51 15.86 20.73
N ASN B 143 -8.40 15.27 20.25
CA ASN B 143 -7.56 15.93 19.27
C ASN B 143 -8.08 15.69 17.88
N ASP B 144 -7.78 16.60 16.97
CA ASP B 144 -8.12 16.42 15.59
C ASP B 144 -7.20 15.42 14.87
N VAL B 145 -7.81 14.69 13.93
CA VAL B 145 -7.12 13.82 12.98
C VAL B 145 -7.61 14.15 11.60
N LEU B 146 -6.70 14.59 10.73
CA LEU B 146 -7.03 14.86 9.36
C LEU B 146 -7.23 13.52 8.65
N GLU B 147 -8.40 13.33 8.03
CA GLU B 147 -8.69 12.09 7.34
C GLU B 147 -8.24 12.23 5.91
N PRO B 148 -7.99 11.13 5.19
CA PRO B 148 -7.54 11.17 3.79
C PRO B 148 -8.59 11.82 2.91
N ILE B 149 -8.12 12.52 1.90
CA ILE B 149 -9.00 13.10 0.91
C ILE B 149 -9.86 12.02 0.25
N TYR B 150 -9.29 10.81 0.07
CA TYR B 150 -9.92 9.76 -0.72
C TYR B 150 -11.11 9.13 0.00
N ILE B 151 -11.34 9.43 1.29
CA ILE B 151 -12.54 8.92 1.92
C ILE B 151 -13.74 9.88 1.80
N SER B 152 -13.58 11.12 1.28
CA SER B 152 -14.69 11.93 0.78
C SER B 152 -14.73 12.03 -0.73
N ALA B 153 -13.59 11.92 -1.42
CA ALA B 153 -13.49 12.26 -2.83
C ALA B 153 -13.39 11.02 -3.71
N PRO B 154 -14.36 10.79 -4.61
CA PRO B 154 -14.16 9.85 -5.71
C PRO B 154 -12.80 10.14 -6.36
N GLU B 155 -12.17 9.04 -6.80
CA GLU B 155 -10.88 9.08 -7.44
C GLU B 155 -10.92 8.52 -8.86
N TYR B 156 -10.42 9.35 -9.79
CA TYR B 156 -10.05 8.93 -11.14
C TYR B 156 -8.64 8.43 -11.02
N GLN B 157 -8.43 7.13 -11.13
CA GLN B 157 -7.08 6.58 -11.01
C GLN B 157 -6.14 7.10 -12.09
N VAL B 158 -4.86 7.25 -11.66
CA VAL B 158 -3.74 7.47 -12.56
C VAL B 158 -2.70 6.41 -12.20
N LEU B 159 -2.35 5.63 -13.21
CA LEU B 159 -1.58 4.43 -12.99
C LEU B 159 -0.87 4.03 -14.27
N ASP B 160 0.34 3.51 -14.11
CA ASP B 160 0.99 2.68 -15.09
C ASP B 160 0.37 1.28 -15.05
N ASN B 161 -0.56 1.05 -15.98
CA ASN B 161 -1.41 -0.13 -15.98
C ASN B 161 -0.64 -1.42 -16.23
N ASP B 162 0.61 -1.33 -16.74
CA ASP B 162 1.45 -2.44 -17.14
C ASP B 162 2.42 -2.86 -16.02
N ASN B 163 2.85 -1.97 -15.11
CA ASN B 163 3.91 -2.31 -14.16
C ASN B 163 3.51 -2.15 -12.71
N HIS B 164 2.48 -1.35 -12.41
CA HIS B 164 2.10 -1.21 -11.04
C HIS B 164 1.19 -2.38 -10.68
N PRO B 165 1.51 -3.13 -9.58
CA PRO B 165 0.69 -4.26 -9.15
C PRO B 165 -0.79 -4.01 -8.90
N ASP B 166 -1.14 -2.79 -8.48
CA ASP B 166 -2.54 -2.46 -8.24
C ASP B 166 -3.40 -2.69 -9.50
N ALA B 167 -2.79 -2.56 -10.68
CA ALA B 167 -3.47 -2.81 -11.94
C ALA B 167 -4.14 -4.18 -11.94
N LYS B 168 -3.56 -5.16 -11.25
CA LYS B 168 -4.13 -6.49 -11.29
C LYS B 168 -5.05 -6.78 -10.10
N LEU B 169 -5.21 -5.86 -9.18
CA LEU B 169 -6.05 -6.09 -8.01
C LEU B 169 -7.44 -5.54 -8.31
N GLY B 170 -8.29 -5.48 -7.27
CA GLY B 170 -9.68 -5.04 -7.39
C GLY B 170 -10.45 -6.04 -8.26
N LYS B 171 -11.50 -5.59 -8.94
CA LYS B 171 -12.30 -6.48 -9.77
C LYS B 171 -12.45 -5.88 -11.16
N ASP B 172 -12.16 -6.66 -12.18
CA ASP B 172 -12.43 -6.34 -13.57
C ASP B 172 -11.60 -5.14 -13.99
N ASN B 173 -10.39 -5.03 -13.47
CA ASN B 173 -9.56 -3.88 -13.76
C ASN B 173 -10.12 -2.53 -13.33
N ASN B 174 -10.87 -2.50 -12.22
CA ASN B 174 -11.43 -1.27 -11.68
C ASN B 174 -10.40 -0.47 -10.87
N ARG B 175 -9.11 -0.88 -10.93
CA ARG B 175 -8.03 -0.09 -10.39
C ARG B 175 -7.07 0.42 -11.48
N GLN B 176 -7.45 0.29 -12.76
CA GLN B 176 -6.59 0.81 -13.83
C GLN B 176 -6.93 2.27 -14.11
N SER B 177 -6.04 2.99 -14.86
CA SER B 177 -6.20 4.40 -15.13
C SER B 177 -7.60 4.72 -15.65
N ALA B 178 -8.15 5.83 -15.11
CA ALA B 178 -9.41 6.44 -15.45
C ALA B 178 -10.58 5.67 -14.85
N SER B 179 -10.30 4.62 -14.09
CA SER B 179 -11.33 3.96 -13.28
C SER B 179 -11.85 4.91 -12.22
N LEU B 180 -13.12 4.67 -11.81
CA LEU B 180 -13.51 5.11 -10.49
C LEU B 180 -12.92 4.08 -9.52
N TYR B 181 -11.93 4.52 -8.73
CA TYR B 181 -11.01 3.61 -8.10
C TYR B 181 -11.82 2.65 -7.24
N ASP B 182 -11.55 1.36 -7.48
CA ASP B 182 -12.07 0.22 -6.73
C ASP B 182 -13.56 0.02 -6.91
N MET B 183 -14.14 0.69 -7.92
CA MET B 183 -15.56 0.62 -8.12
C MET B 183 -15.93 0.36 -9.59
N ILE B 184 -15.47 1.17 -10.53
CA ILE B 184 -15.91 1.02 -11.89
C ILE B 184 -14.72 1.13 -12.84
N PRO B 185 -14.46 0.08 -13.65
CA PRO B 185 -13.36 0.17 -14.58
C PRO B 185 -13.63 1.09 -15.77
N ALA B 186 -12.57 1.58 -16.33
CA ALA B 186 -12.58 2.27 -17.60
C ALA B 186 -12.72 1.25 -18.70
N VAL B 187 -13.77 1.42 -19.52
CA VAL B 187 -14.02 0.61 -20.69
C VAL B 187 -14.44 1.52 -21.82
N PRO B 188 -13.64 1.64 -22.90
CA PRO B 188 -12.37 0.92 -23.04
C PRO B 188 -11.22 1.39 -22.15
N GLN B 189 -10.28 0.43 -21.89
CA GLN B 189 -9.02 0.77 -21.25
C GLN B 189 -8.04 1.25 -22.31
N ASN B 190 -8.19 2.53 -22.72
CA ASN B 190 -7.46 3.10 -23.86
C ASN B 190 -6.29 3.96 -23.40
N ALA B 191 -5.76 3.75 -22.19
CA ALA B 191 -4.57 4.46 -21.73
C ALA B 191 -3.38 4.26 -22.66
N LYS B 192 -2.65 5.33 -22.89
CA LYS B 192 -1.35 5.25 -23.53
C LYS B 192 -0.38 4.84 -22.45
N PRO B 193 0.79 4.23 -22.80
CA PRO B 193 1.67 3.68 -21.77
C PRO B 193 2.45 4.73 -20.98
N PHE B 194 3.24 4.26 -20.01
CA PHE B 194 3.89 5.13 -19.04
C PHE B 194 4.82 6.06 -19.80
N GLY B 195 4.95 7.26 -19.25
CA GLY B 195 5.84 8.26 -19.83
C GLY B 195 5.20 9.01 -20.99
N GLU B 196 3.91 8.74 -21.27
CA GLU B 196 3.21 9.40 -22.36
C GLU B 196 2.04 10.17 -21.77
N TRP B 197 1.69 11.26 -22.49
CA TRP B 197 0.58 12.11 -22.12
C TRP B 197 -0.74 11.39 -22.41
N ASN B 198 -1.57 11.29 -21.39
CA ASN B 198 -2.97 10.93 -21.48
C ASN B 198 -3.86 12.15 -21.16
N LYS B 199 -5.10 12.11 -21.69
CA LYS B 199 -6.07 13.14 -21.44
C LYS B 199 -7.11 12.56 -20.51
N ALA B 200 -7.47 13.38 -19.55
CA ALA B 200 -8.56 13.05 -18.67
C ALA B 200 -9.72 14.02 -18.87
N LYS B 201 -10.91 13.45 -18.64
CA LYS B 201 -12.08 14.28 -18.43
C LYS B 201 -12.89 13.78 -17.21
N ILE B 202 -13.42 14.73 -16.46
CA ILE B 202 -14.33 14.39 -15.38
C ILE B 202 -15.43 15.42 -15.45
N MET B 203 -16.66 14.92 -15.68
CA MET B 203 -17.83 15.78 -15.70
C MET B 203 -18.78 15.30 -14.61
N VAL B 204 -19.24 16.27 -13.83
CA VAL B 204 -20.27 16.01 -12.86
C VAL B 204 -21.36 17.00 -13.20
N TYR B 205 -22.53 16.52 -13.52
CA TYR B 205 -23.63 17.42 -13.77
C TYR B 205 -24.87 16.84 -13.12
N LYS B 206 -25.33 17.46 -12.04
CA LYS B 206 -26.55 17.10 -11.36
C LYS B 206 -26.56 15.61 -11.05
N GLY B 207 -25.45 15.14 -10.48
CA GLY B 207 -25.34 13.77 -10.01
C GLY B 207 -24.85 12.82 -11.09
N THR B 208 -24.97 13.20 -12.35
CA THR B 208 -24.43 12.36 -13.42
C THR B 208 -22.93 12.59 -13.48
N VAL B 209 -22.15 11.50 -13.48
CA VAL B 209 -20.70 11.60 -13.50
C VAL B 209 -20.21 10.81 -14.69
N VAL B 210 -19.26 11.41 -15.44
CA VAL B 210 -18.60 10.73 -16.56
C VAL B 210 -17.07 10.93 -16.43
N HIS B 211 -16.33 9.83 -16.62
CA HIS B 211 -14.91 9.90 -16.80
C HIS B 211 -14.60 9.65 -18.28
N GLY B 212 -13.56 10.36 -18.76
CA GLY B 212 -13.10 10.33 -20.13
C GLY B 212 -11.60 10.03 -20.05
N GLN B 213 -11.12 9.21 -20.95
CA GLN B 213 -9.69 9.01 -21.09
C GLN B 213 -9.42 9.00 -22.58
N ASN B 214 -8.38 9.78 -22.96
CA ASN B 214 -7.99 10.00 -24.35
C ASN B 214 -9.20 10.24 -25.27
N ASP B 215 -10.14 11.09 -24.86
CA ASP B 215 -11.28 11.58 -25.65
C ASP B 215 -12.36 10.54 -25.93
N GLU B 216 -12.47 9.56 -25.09
CA GLU B 216 -13.59 8.66 -25.12
C GLU B 216 -14.15 8.67 -23.70
N ASN B 217 -15.48 8.60 -23.58
CA ASN B 217 -16.12 8.27 -22.33
C ASN B 217 -15.78 6.83 -21.95
N VAL B 218 -15.25 6.58 -20.76
CA VAL B 218 -14.88 5.22 -20.33
C VAL B 218 -15.67 4.68 -19.11
N LEU B 219 -16.60 5.47 -18.57
CA LEU B 219 -17.58 4.97 -17.60
C LEU B 219 -18.58 6.09 -17.29
N GLU B 220 -19.69 5.80 -16.58
CA GLU B 220 -20.71 6.81 -16.21
C GLU B 220 -21.41 6.35 -14.95
N TYR B 221 -21.89 7.24 -14.07
CA TYR B 221 -22.59 6.77 -12.89
C TYR B 221 -23.43 7.90 -12.34
N HIS B 222 -24.20 7.58 -11.31
CA HIS B 222 -25.14 8.52 -10.73
C HIS B 222 -24.89 8.56 -9.23
N LEU B 223 -24.55 9.75 -8.75
CA LEU B 223 -24.41 10.00 -7.34
C LEU B 223 -25.78 10.05 -6.64
N TRP B 224 -25.70 9.67 -5.36
CA TRP B 224 -26.77 9.79 -4.38
C TRP B 224 -27.97 8.89 -4.67
N THR B 225 -27.74 7.80 -5.40
CA THR B 225 -28.79 6.85 -5.76
C THR B 225 -28.49 5.51 -5.06
N LYS B 226 -29.40 4.59 -5.26
CA LYS B 226 -29.22 3.26 -4.73
C LYS B 226 -27.98 2.61 -5.33
N GLN B 227 -27.75 2.83 -6.62
CA GLN B 227 -26.67 2.19 -7.34
C GLN B 227 -25.34 2.70 -6.79
N TRP B 228 -25.37 3.98 -6.33
CA TRP B 228 -24.20 4.65 -5.79
C TRP B 228 -23.81 3.92 -4.52
N THR B 229 -24.83 3.84 -3.66
CA THR B 229 -24.69 3.14 -2.40
C THR B 229 -24.13 1.73 -2.58
N ASP B 230 -24.70 0.98 -3.54
CA ASP B 230 -24.30 -0.41 -3.78
C ASP B 230 -22.85 -0.55 -4.21
N LEU B 231 -22.39 0.37 -5.05
CA LEU B 231 -21.01 0.36 -5.49
C LEU B 231 -20.08 0.54 -4.27
N LEU B 232 -20.46 1.45 -3.37
CA LEU B 232 -19.68 1.74 -2.18
C LEU B 232 -19.56 0.50 -1.31
N GLN B 233 -20.67 -0.27 -1.20
CA GLN B 233 -20.75 -1.43 -0.31
C GLN B 233 -19.93 -2.60 -0.84
N ALA B 234 -19.57 -2.55 -2.12
CA ALA B 234 -18.76 -3.60 -2.73
C ALA B 234 -17.30 -3.20 -2.86
N SER B 235 -16.91 -2.16 -2.11
CA SER B 235 -15.60 -1.50 -2.22
C SER B 235 -14.87 -1.49 -0.88
N LYS B 236 -13.64 -0.95 -0.88
CA LYS B 236 -12.82 -0.76 0.31
C LYS B 236 -13.41 0.33 1.22
N PHE B 237 -14.40 1.07 0.69
CA PHE B 237 -15.05 2.14 1.45
C PHE B 237 -16.46 1.74 1.88
N SER B 238 -16.73 0.44 1.98
CA SER B 238 -18.02 -0.07 2.43
C SER B 238 -18.31 0.33 3.89
N GLN B 239 -19.55 0.25 4.31
CA GLN B 239 -19.91 0.67 5.67
C GLN B 239 -19.25 -0.23 6.71
N ASP B 240 -19.03 -1.50 6.38
CA ASP B 240 -18.37 -2.42 7.29
C ASP B 240 -16.84 -2.38 7.21
N LYS B 241 -16.26 -2.11 6.06
CA LYS B 241 -14.82 -1.94 6.03
C LYS B 241 -14.36 -0.57 6.52
N TRP B 242 -15.00 0.53 6.09
CA TRP B 242 -14.53 1.86 6.48
C TRP B 242 -15.70 2.80 6.75
N PRO B 243 -16.37 2.72 7.92
CA PRO B 243 -17.64 3.40 8.14
C PRO B 243 -17.65 4.88 7.85
N LEU B 244 -16.57 5.60 8.21
CA LEU B 244 -16.57 7.04 8.00
C LEU B 244 -16.56 7.37 6.51
N ALA B 245 -15.76 6.61 5.73
CA ALA B 245 -15.65 6.79 4.29
C ALA B 245 -17.02 6.58 3.62
N PHE B 246 -17.64 5.47 3.98
CA PHE B 246 -18.95 5.17 3.44
C PHE B 246 -19.89 6.35 3.67
N GLU B 247 -19.91 6.86 4.88
CA GLU B 247 -20.82 7.96 5.20
C GLU B 247 -20.53 9.19 4.36
N LEU B 248 -19.26 9.48 4.17
CA LEU B 248 -18.92 10.71 3.49
C LEU B 248 -19.21 10.55 2.01
N LEU B 249 -18.81 9.39 1.47
CA LEU B 249 -18.96 9.12 0.05
C LEU B 249 -20.41 8.88 -0.32
N ASN B 250 -21.17 8.27 0.58
CA ASN B 250 -22.58 8.07 0.27
C ASN B 250 -23.29 9.42 0.09
N ASN B 251 -22.92 10.46 0.86
CA ASN B 251 -23.46 11.79 0.58
C ASN B 251 -22.37 12.68 0.01
N CYS B 252 -21.81 12.21 -1.10
CA CYS B 252 -20.65 12.84 -1.71
C CYS B 252 -20.87 14.35 -1.93
N GLY B 253 -19.87 15.13 -1.55
CA GLY B 253 -19.89 16.60 -1.61
C GLY B 253 -20.60 17.24 -0.41
N GLY B 254 -21.01 16.43 0.56
CA GLY B 254 -21.67 16.95 1.74
C GLY B 254 -23.08 17.54 1.48
N GLU B 255 -23.52 18.36 2.41
CA GLU B 255 -24.87 18.87 2.40
C GLU B 255 -25.11 19.60 1.09
N ASN B 256 -24.07 20.24 0.58
CA ASN B 256 -24.22 21.09 -0.60
C ASN B 256 -23.83 20.42 -1.90
N HIS B 257 -23.33 19.17 -1.82
CA HIS B 257 -22.99 18.39 -3.00
C HIS B 257 -21.87 19.04 -3.86
N GLU B 258 -20.75 19.38 -3.23
CA GLU B 258 -19.76 20.22 -3.86
C GLU B 258 -18.41 19.89 -3.21
N GLY B 259 -17.31 20.22 -3.88
CA GLY B 259 -15.98 20.00 -3.29
C GLY B 259 -14.86 20.34 -4.26
N PHE B 260 -13.63 19.97 -3.84
CA PHE B 260 -12.44 20.28 -4.59
C PHE B 260 -12.05 19.24 -5.63
N ILE B 261 -11.39 19.76 -6.68
CA ILE B 261 -10.55 18.96 -7.53
C ILE B 261 -9.17 18.92 -6.89
N GLY B 262 -8.46 17.82 -7.08
CA GLY B 262 -7.06 17.78 -6.67
C GLY B 262 -6.37 16.54 -7.21
N MET B 263 -5.11 16.38 -6.87
CA MET B 263 -4.30 15.29 -7.36
C MET B 263 -3.55 14.63 -6.20
N GLN B 264 -3.26 13.35 -6.39
CA GLN B 264 -2.75 12.46 -5.33
C GLN B 264 -1.23 12.43 -5.21
N ASP B 265 -0.73 12.58 -3.97
CA ASP B 265 0.58 12.08 -3.53
C ASP B 265 0.48 10.59 -3.18
N HIS B 266 0.94 9.73 -4.11
CA HIS B 266 1.05 8.31 -3.90
C HIS B 266 2.51 7.95 -4.12
N GLY B 267 3.41 8.87 -3.87
CA GLY B 267 4.82 8.51 -3.72
C GLY B 267 5.63 8.54 -5.01
N ASP B 268 4.97 8.71 -6.16
CA ASP B 268 5.57 8.54 -7.47
C ASP B 268 5.51 9.81 -8.35
N ASP B 269 6.59 10.08 -9.04
CA ASP B 269 6.65 11.03 -10.13
C ASP B 269 5.41 10.95 -11.05
N VAL B 270 4.76 12.11 -11.20
CA VAL B 270 3.65 12.30 -12.14
C VAL B 270 3.58 13.78 -12.56
N TRP B 271 3.02 14.01 -13.73
CA TRP B 271 2.88 15.36 -14.25
C TRP B 271 1.48 15.60 -14.75
N PHE B 272 1.04 16.86 -14.63
CA PHE B 272 -0.30 17.35 -14.94
C PHE B 272 -0.15 18.69 -15.64
N ARG B 273 -0.86 18.88 -16.74
CA ARG B 273 -0.88 20.14 -17.44
C ARG B 273 -2.20 20.40 -18.17
N ASN B 274 -2.33 21.65 -18.62
CA ASN B 274 -3.50 22.09 -19.36
C ASN B 274 -4.74 21.76 -18.55
N ILE B 275 -4.71 22.18 -17.30
CA ILE B 275 -5.78 21.92 -16.35
C ILE B 275 -6.87 22.96 -16.44
N ARG B 276 -8.05 22.50 -16.88
CA ARG B 276 -9.09 23.43 -17.33
C ARG B 276 -10.43 22.96 -16.74
N VAL B 277 -11.26 23.90 -16.29
CA VAL B 277 -12.56 23.54 -15.75
C VAL B 277 -13.63 24.44 -16.33
N LYS B 278 -14.75 23.83 -16.77
CA LYS B 278 -15.97 24.52 -17.22
C LYS B 278 -17.05 24.38 -16.14
N VAL B 279 -17.53 25.51 -15.64
CA VAL B 279 -18.64 25.57 -14.72
C VAL B 279 -19.97 25.35 -15.46
N LEU B 280 -20.69 24.30 -15.03
CA LEU B 280 -21.99 23.96 -15.59
C LEU B 280 -23.09 24.43 -14.60
N ASP B 281 -24.27 24.64 -15.14
CA ASP B 281 -25.38 25.25 -14.40
C ASP B 281 -26.66 25.01 -15.22
C1 GLC C . 4.36 -15.58 19.76
C2 GLC C . 3.26 -16.29 18.95
C3 GLC C . 3.63 -16.34 17.42
C4 GLC C . 4.17 -15.06 16.84
C5 GLC C . 5.13 -14.29 17.75
C6 GLC C . 5.21 -12.81 17.37
O1 GLC C . 5.61 -16.25 19.94
O2 GLC C . 3.01 -17.60 19.53
O3 GLC C . 2.55 -16.64 16.55
O4 GLC C . 4.84 -15.51 15.65
O5 GLC C . 4.74 -14.33 19.20
O6 GLC C . 4.03 -11.98 17.72
K K D . 3.37 -18.04 14.22
K K E . -4.16 6.34 -7.12
#